data_9LG0
#
_entry.id   9LG0
#
_cell.length_a   65.793
_cell.length_b   78.370
_cell.length_c   82.149
_cell.angle_alpha   90.000
_cell.angle_beta   90.000
_cell.angle_gamma   90.000
#
_symmetry.space_group_name_H-M   'P 21 21 21'
#
loop_
_entity.id
_entity.type
_entity.pdbx_description
1 polymer Peroxiredoxin-1
2 non-polymer 'Salvianolic Acid B'
3 water water
#
_entity_poly.entity_id   1
_entity_poly.type   'polypeptide(L)'
_entity_poly.pdbx_seq_one_letter_code
;MSSGNAKIGHPAPNFKATAVMPDGQFKDISLSDYKGKYVVFFFYPLDFTFVSPTEIIAFSDRAEEFKKLNCQVIGASVDS
HFSHLAWVNTPKKQGGLGPMNIPLVSDPKRTIAQDYGVLKADEGISFRGLFIIDDKGILRQITVNDLPVGRSVDETLRLV
QAFQFTDKHGEVCPA
;
_entity_poly.pdbx_strand_id   A,B
#
loop_
_chem_comp.id
_chem_comp.type
_chem_comp.name
_chem_comp.formula
A1LXC non-polymer 'Salvianolic Acid B' 'C36 H32 O16'
#
# COMPACT_ATOMS: atom_id res chain seq x y z
N SER A 3 14.58 6.47 -5.57
CA SER A 3 13.21 6.51 -6.07
C SER A 3 12.27 7.18 -5.07
N GLY A 4 12.37 8.50 -4.96
CA GLY A 4 11.36 9.28 -4.29
C GLY A 4 11.81 9.78 -2.92
N ASN A 5 11.05 10.76 -2.44
CA ASN A 5 11.26 11.36 -1.12
C ASN A 5 10.07 11.15 -0.19
N ALA A 6 9.19 10.23 -0.54
CA ALA A 6 8.03 9.93 0.30
C ALA A 6 8.45 8.86 1.32
N LYS A 7 8.52 9.27 2.60
CA LYS A 7 8.95 8.40 3.68
C LYS A 7 7.95 8.48 4.81
N ILE A 8 7.52 7.33 5.32
CA ILE A 8 6.56 7.30 6.44
C ILE A 8 7.14 8.10 7.59
N GLY A 9 6.31 8.96 8.19
CA GLY A 9 6.72 9.72 9.35
C GLY A 9 7.47 11.00 9.05
N HIS A 10 7.75 11.27 7.78
CA HIS A 10 8.34 12.51 7.32
C HIS A 10 7.32 13.36 6.58
N PRO A 11 7.54 14.66 6.46
CA PRO A 11 6.63 15.49 5.66
C PRO A 11 6.49 14.93 4.26
N ALA A 12 5.24 14.81 3.81
CA ALA A 12 4.99 14.35 2.45
C ALA A 12 5.54 15.38 1.46
N PRO A 13 6.16 14.95 0.37
CA PRO A 13 6.70 15.91 -0.62
C PRO A 13 5.63 16.91 -1.06
N ASN A 14 5.96 18.20 -0.95
CA ASN A 14 5.03 19.21 -1.44
C ASN A 14 5.03 19.22 -2.96
N PHE A 15 3.97 19.76 -3.52
CA PHE A 15 3.88 19.97 -4.96
C PHE A 15 3.04 21.21 -5.17
N LYS A 16 3.27 21.88 -6.29
CA LYS A 16 2.36 22.92 -6.77
C LYS A 16 2.10 22.60 -8.23
N ALA A 17 0.83 22.44 -8.58
CA ALA A 17 0.49 21.92 -9.89
C ALA A 17 -0.87 22.45 -10.29
N THR A 18 -1.12 22.48 -11.60
CA THR A 18 -2.43 22.84 -12.12
C THR A 18 -3.38 21.65 -11.98
N ALA A 19 -4.55 21.90 -11.40
CA ALA A 19 -5.59 20.90 -11.26
C ALA A 19 -6.86 21.38 -11.94
N VAL A 20 -7.66 20.44 -12.42
CA VAL A 20 -9.04 20.71 -12.78
C VAL A 20 -9.85 20.54 -11.51
N MET A 21 -10.56 21.58 -11.11
CA MET A 21 -11.30 21.55 -9.85
C MET A 21 -12.70 21.01 -10.09
N PRO A 22 -13.41 20.63 -9.02
CA PRO A 22 -14.80 20.17 -9.18
C PRO A 22 -15.68 21.11 -9.99
N ASP A 23 -15.44 22.42 -9.90
CA ASP A 23 -16.29 23.32 -10.68
C ASP A 23 -15.92 23.36 -12.17
N GLY A 24 -14.94 22.55 -12.59
CA GLY A 24 -14.55 22.49 -13.99
C GLY A 24 -13.55 23.53 -14.42
N GLN A 25 -13.04 24.33 -13.49
CA GLN A 25 -12.04 25.34 -13.81
C GLN A 25 -10.67 24.89 -13.34
N PHE A 26 -9.65 25.48 -13.96
CA PHE A 26 -8.27 25.18 -13.63
C PHE A 26 -7.79 26.03 -12.48
N LYS A 27 -7.05 25.42 -11.57
CA LYS A 27 -6.50 26.16 -10.43
C LYS A 27 -5.16 25.53 -10.08
N ASP A 28 -4.17 26.37 -9.77
CA ASP A 28 -2.90 25.87 -9.27
C ASP A 28 -3.02 25.64 -7.77
N ILE A 29 -2.80 24.39 -7.34
CA ILE A 29 -2.98 24.02 -5.95
C ILE A 29 -1.71 23.35 -5.44
N SER A 30 -1.51 23.42 -4.14
CA SER A 30 -0.36 22.82 -3.48
C SER A 30 -0.83 21.88 -2.39
N LEU A 31 -0.05 20.84 -2.14
CA LEU A 31 -0.41 19.94 -1.03
C LEU A 31 -0.49 20.73 0.28
N SER A 32 0.39 21.72 0.44
CA SER A 32 0.43 22.53 1.64
C SER A 32 -0.83 23.36 1.81
N ASP A 33 -1.61 23.57 0.73
CA ASP A 33 -2.90 24.23 0.87
C ASP A 33 -3.82 23.49 1.84
N TYR A 34 -3.61 22.19 2.04
CA TYR A 34 -4.53 21.36 2.81
C TYR A 34 -4.02 21.04 4.21
N LYS A 35 -2.98 21.72 4.67
CA LYS A 35 -2.56 21.57 6.06
C LYS A 35 -3.74 21.83 6.99
N GLY A 36 -3.83 21.02 8.05
CA GLY A 36 -4.98 21.06 8.93
C GLY A 36 -6.03 20.00 8.63
N LYS A 37 -5.94 19.34 7.49
CA LYS A 37 -6.84 18.26 7.11
C LYS A 37 -6.02 17.06 6.69
N TYR A 38 -6.57 15.88 6.87
CA TYR A 38 -6.00 14.70 6.23
C TYR A 38 -6.15 14.83 4.72
N VAL A 39 -5.24 14.20 3.99
CA VAL A 39 -5.26 14.21 2.54
C VAL A 39 -5.04 12.78 2.06
N VAL A 40 -5.86 12.35 1.11
CA VAL A 40 -5.61 11.15 0.32
C VAL A 40 -5.18 11.64 -1.04
N PHE A 41 -3.92 11.38 -1.39
CA PHE A 41 -3.37 11.81 -2.67
C PHE A 41 -3.08 10.55 -3.48
N PHE A 42 -3.75 10.41 -4.63
CA PHE A 42 -3.56 9.20 -5.43
C PHE A 42 -3.23 9.54 -6.87
N PHE A 43 -2.31 8.76 -7.42
CA PHE A 43 -1.90 8.81 -8.81
C PHE A 43 -2.64 7.72 -9.58
N TYR A 44 -2.99 8.02 -10.82
CA TYR A 44 -3.44 7.00 -11.76
C TYR A 44 -2.63 7.19 -13.03
N PRO A 45 -2.47 6.15 -13.84
CA PRO A 45 -1.51 6.22 -14.95
C PRO A 45 -1.87 7.22 -16.05
N LEU A 46 -3.06 7.10 -16.65
CA LEU A 46 -3.38 7.91 -17.82
C LEU A 46 -4.88 8.18 -17.88
N ASP A 47 -5.23 9.30 -18.53
CA ASP A 47 -6.63 9.61 -18.83
C ASP A 47 -7.15 8.73 -19.97
N PHE A 48 -8.48 8.68 -20.07
CA PHE A 48 -9.19 7.97 -21.15
C PHE A 48 -8.83 6.49 -21.16
N THR A 49 -8.71 5.91 -19.97
CA THR A 49 -8.36 4.53 -19.77
C THR A 49 -9.56 3.79 -19.19
N PHE A 50 -9.33 2.57 -18.72
CA PHE A 50 -10.46 1.72 -18.39
C PHE A 50 -10.41 1.08 -17.01
N VAL A 51 -9.28 1.05 -16.33
CA VAL A 51 -9.26 0.75 -14.90
C VAL A 51 -9.35 2.02 -14.08
N SER A 52 -8.54 3.03 -14.44
CA SER A 52 -8.55 4.29 -13.72
C SER A 52 -9.93 4.92 -13.53
N PRO A 53 -10.85 4.93 -14.51
CA PRO A 53 -12.13 5.62 -14.27
C PRO A 53 -12.94 5.00 -13.15
N THR A 54 -12.90 3.67 -13.00
CA THR A 54 -13.63 3.04 -11.89
C THR A 54 -13.18 3.63 -10.55
N GLU A 55 -11.86 3.78 -10.37
CA GLU A 55 -11.32 4.35 -9.13
C GLU A 55 -11.71 5.81 -8.98
N ILE A 56 -11.44 6.60 -10.02
CA ILE A 56 -11.67 8.05 -9.92
C ILE A 56 -13.14 8.32 -9.62
N ILE A 57 -14.02 7.66 -10.36
CA ILE A 57 -15.46 7.84 -10.15
C ILE A 57 -15.87 7.40 -8.76
N ALA A 58 -15.27 6.31 -8.26
CA ALA A 58 -15.62 5.87 -6.91
C ALA A 58 -15.20 6.89 -5.87
N PHE A 59 -13.96 7.40 -5.96
CA PHE A 59 -13.55 8.42 -4.99
C PHE A 59 -14.41 9.67 -5.09
N SER A 60 -14.74 10.08 -6.32
CA SER A 60 -15.56 11.27 -6.48
C SER A 60 -16.97 11.02 -5.95
N ASP A 61 -17.56 9.87 -6.33
CA ASP A 61 -18.92 9.55 -5.88
C ASP A 61 -19.04 9.55 -4.37
N ARG A 62 -18.00 9.07 -3.68
CA ARG A 62 -18.02 8.89 -2.24
C ARG A 62 -17.27 9.98 -1.52
N ALA A 63 -17.09 11.15 -2.16
CA ALA A 63 -16.33 12.22 -1.56
C ALA A 63 -16.93 12.66 -0.23
N GLU A 64 -18.25 12.57 -0.08
CA GLU A 64 -18.85 13.02 1.18
C GLU A 64 -18.40 12.16 2.35
N GLU A 65 -18.08 10.89 2.11
CA GLU A 65 -17.57 10.06 3.20
C GLU A 65 -16.20 10.51 3.66
N PHE A 66 -15.38 11.04 2.74
CA PHE A 66 -14.11 11.63 3.13
C PHE A 66 -14.32 12.98 3.79
N LYS A 67 -15.30 13.74 3.32
CA LYS A 67 -15.59 15.02 3.96
C LYS A 67 -15.97 14.83 5.42
N LYS A 68 -16.77 13.81 5.72
CA LYS A 68 -17.13 13.54 7.11
C LYS A 68 -15.92 13.19 7.96
N LEU A 69 -14.83 12.72 7.35
CA LEU A 69 -13.57 12.50 8.03
C LEU A 69 -12.63 13.70 7.94
N ASN A 70 -13.12 14.86 7.50
CA ASN A 70 -12.28 16.05 7.31
C ASN A 70 -11.04 15.71 6.50
N CYS A 71 -11.26 15.04 5.38
CA CYS A 71 -10.18 14.48 4.57
C CYS A 71 -10.39 14.92 3.12
N GLN A 72 -9.37 15.55 2.55
CA GLN A 72 -9.41 15.97 1.15
C GLN A 72 -8.88 14.84 0.29
N VAL A 73 -9.57 14.54 -0.81
CA VAL A 73 -9.09 13.58 -1.78
C VAL A 73 -8.59 14.35 -3.01
N ILE A 74 -7.40 13.99 -3.50
CA ILE A 74 -6.81 14.60 -4.69
C ILE A 74 -6.31 13.49 -5.61
N GLY A 75 -6.73 13.50 -6.88
CA GLY A 75 -6.20 12.58 -7.86
C GLY A 75 -5.16 13.26 -8.75
N ALA A 76 -4.33 12.44 -9.42
CA ALA A 76 -3.26 13.01 -10.26
C ALA A 76 -2.83 12.01 -11.32
N SER A 77 -2.47 12.53 -12.49
CA SER A 77 -1.77 11.75 -13.50
C SER A 77 -0.88 12.69 -14.30
N VAL A 78 -0.01 12.10 -15.12
CA VAL A 78 0.90 12.90 -15.94
C VAL A 78 0.22 13.63 -17.09
N ASP A 79 -1.04 13.31 -17.40
CA ASP A 79 -1.74 13.99 -18.50
C ASP A 79 -1.91 15.47 -18.17
N SER A 80 -2.02 16.29 -19.23
CA SER A 80 -2.34 17.70 -19.05
C SER A 80 -3.68 17.88 -18.35
N HIS A 81 -3.82 19.03 -17.69
CA HIS A 81 -5.11 19.38 -17.10
C HIS A 81 -6.18 19.53 -18.17
N PHE A 82 -5.80 19.92 -19.40
CA PHE A 82 -6.77 19.96 -20.48
C PHE A 82 -7.31 18.58 -20.78
N SER A 83 -6.45 17.56 -20.72
CA SER A 83 -6.93 16.20 -20.93
C SER A 83 -7.85 15.77 -19.80
N HIS A 84 -7.50 16.12 -18.56
CA HIS A 84 -8.38 15.86 -17.43
C HIS A 84 -9.77 16.44 -17.67
N LEU A 85 -9.82 17.72 -18.05
CA LEU A 85 -11.11 18.36 -18.27
C LEU A 85 -11.87 17.70 -19.41
N ALA A 86 -11.16 17.35 -20.49
CA ALA A 86 -11.80 16.65 -21.60
C ALA A 86 -12.45 15.35 -21.13
N TRP A 87 -11.78 14.65 -20.21
CA TRP A 87 -12.36 13.40 -19.70
C TRP A 87 -13.54 13.66 -18.80
N VAL A 88 -13.44 14.67 -17.93
CA VAL A 88 -14.58 15.08 -17.10
C VAL A 88 -15.79 15.41 -17.98
N ASN A 89 -15.57 16.15 -19.06
CA ASN A 89 -16.62 16.59 -19.96
C ASN A 89 -17.12 15.51 -20.91
N THR A 90 -16.48 14.35 -20.93
CA THR A 90 -16.99 13.24 -21.73
C THR A 90 -18.15 12.58 -21.00
N PRO A 91 -19.30 12.35 -21.66
CA PRO A 91 -20.43 11.71 -20.98
C PRO A 91 -20.02 10.38 -20.36
N LYS A 92 -20.51 10.11 -19.14
CA LYS A 92 -20.20 8.85 -18.48
C LYS A 92 -20.61 7.66 -19.34
N LYS A 93 -21.73 7.79 -20.05
CA LYS A 93 -22.21 6.72 -20.91
C LYS A 93 -21.26 6.40 -22.07
N GLN A 94 -20.32 7.30 -22.40
CA GLN A 94 -19.29 7.02 -23.39
C GLN A 94 -17.93 6.74 -22.76
N GLY A 95 -17.89 6.39 -21.47
CA GLY A 95 -16.63 6.13 -20.81
C GLY A 95 -15.97 7.33 -20.17
N GLY A 96 -16.67 8.46 -20.05
CA GLY A 96 -16.08 9.61 -19.42
C GLY A 96 -16.21 9.58 -17.91
N LEU A 97 -15.55 10.55 -17.27
CA LEU A 97 -15.64 10.64 -15.81
C LEU A 97 -16.94 11.29 -15.36
N GLY A 98 -17.48 12.23 -16.14
CA GLY A 98 -18.57 13.03 -15.67
C GLY A 98 -18.11 14.02 -14.62
N PRO A 99 -19.05 14.79 -14.08
CA PRO A 99 -18.71 15.78 -13.05
C PRO A 99 -17.99 15.16 -11.85
N MET A 100 -17.00 15.88 -11.35
CA MET A 100 -16.12 15.40 -10.31
C MET A 100 -16.33 16.19 -9.02
N ASN A 101 -16.23 15.48 -7.89
CA ASN A 101 -16.24 16.11 -6.58
C ASN A 101 -14.85 16.28 -6.00
N ILE A 102 -13.82 15.85 -6.73
CA ILE A 102 -12.44 15.93 -6.27
C ILE A 102 -11.61 16.63 -7.33
N PRO A 103 -10.53 17.32 -6.96
CA PRO A 103 -9.63 17.89 -7.96
C PRO A 103 -8.73 16.81 -8.56
N LEU A 104 -8.33 17.05 -9.81
CA LEU A 104 -7.43 16.17 -10.56
C LEU A 104 -6.20 16.96 -10.97
N VAL A 105 -5.07 16.63 -10.39
CA VAL A 105 -3.80 17.32 -10.62
C VAL A 105 -3.14 16.80 -11.89
N SER A 106 -2.45 17.70 -12.60
CA SER A 106 -1.69 17.37 -13.78
C SER A 106 -0.21 17.41 -13.44
N ASP A 107 0.52 16.34 -13.78
CA ASP A 107 1.94 16.20 -13.47
C ASP A 107 2.74 16.03 -14.76
N PRO A 108 2.66 17.00 -15.67
CA PRO A 108 3.26 16.81 -17.00
C PRO A 108 4.77 16.69 -16.99
N LYS A 109 5.45 17.23 -15.99
CA LYS A 109 6.90 17.10 -15.91
C LYS A 109 7.34 15.80 -15.24
N ARG A 110 6.39 15.00 -14.73
CA ARG A 110 6.63 13.75 -14.03
C ARG A 110 7.37 13.93 -12.71
N THR A 111 7.57 15.18 -12.26
CA THR A 111 8.38 15.39 -11.05
C THR A 111 7.61 15.04 -9.78
N ILE A 112 6.28 15.14 -9.79
CA ILE A 112 5.53 14.76 -8.61
C ILE A 112 5.55 13.25 -8.43
N ALA A 113 5.31 12.52 -9.53
CA ALA A 113 5.42 11.06 -9.50
C ALA A 113 6.82 10.63 -9.04
N GLN A 114 7.86 11.29 -9.53
CA GLN A 114 9.21 10.96 -9.10
C GLN A 114 9.40 11.24 -7.63
N ASP A 115 8.91 12.40 -7.15
CA ASP A 115 9.03 12.75 -5.74
C ASP A 115 8.35 11.73 -4.85
N TYR A 116 7.25 11.14 -5.32
CA TYR A 116 6.52 10.13 -4.57
C TYR A 116 6.99 8.71 -4.89
N GLY A 117 8.02 8.58 -5.72
CA GLY A 117 8.61 7.28 -5.99
C GLY A 117 7.72 6.33 -6.75
N VAL A 118 6.80 6.84 -7.56
CA VAL A 118 5.85 5.99 -8.25
C VAL A 118 5.92 6.16 -9.77
N LEU A 119 6.99 6.75 -10.31
CA LEU A 119 7.08 6.86 -11.76
C LEU A 119 7.54 5.52 -12.33
N LYS A 120 6.83 5.05 -13.36
CA LYS A 120 7.29 3.91 -14.15
C LYS A 120 8.22 4.49 -15.20
N ALA A 121 9.53 4.40 -14.93
CA ALA A 121 10.50 5.20 -15.66
C ALA A 121 10.55 4.85 -17.15
N ASP A 122 10.30 3.59 -17.50
CA ASP A 122 10.43 3.21 -18.91
C ASP A 122 9.21 3.58 -19.74
N GLU A 123 8.20 4.21 -19.12
CA GLU A 123 6.96 4.55 -19.79
C GLU A 123 6.53 5.98 -19.53
N GLY A 124 7.08 6.64 -18.51
CA GLY A 124 6.75 8.02 -18.24
C GLY A 124 5.39 8.25 -17.64
N ILE A 125 4.81 7.23 -17.01
CA ILE A 125 3.52 7.33 -16.34
C ILE A 125 3.69 6.85 -14.90
N SER A 126 2.76 7.25 -14.05
CA SER A 126 2.82 6.77 -12.67
C SER A 126 2.16 5.41 -12.53
N PHE A 127 2.72 4.60 -11.62
CA PHE A 127 1.97 3.48 -11.07
C PHE A 127 0.79 4.01 -10.26
N ARG A 128 -0.03 3.09 -9.75
CA ARG A 128 -1.18 3.46 -8.93
C ARG A 128 -0.72 3.68 -7.48
N GLY A 129 -0.11 4.83 -7.24
CA GLY A 129 0.31 5.21 -5.90
C GLY A 129 -0.80 5.94 -5.17
N LEU A 130 -0.99 5.57 -3.90
CA LEU A 130 -1.95 6.26 -3.04
C LEU A 130 -1.25 6.57 -1.73
N PHE A 131 -1.43 7.80 -1.24
CA PHE A 131 -0.70 8.28 -0.07
C PHE A 131 -1.65 8.95 0.90
N ILE A 132 -1.56 8.57 2.17
CA ILE A 132 -2.38 9.18 3.22
C ILE A 132 -1.48 10.10 4.02
N ILE A 133 -1.86 11.37 4.06
CA ILE A 133 -1.06 12.43 4.66
C ILE A 133 -1.90 13.03 5.77
N ASP A 134 -1.32 13.16 6.97
CA ASP A 134 -2.15 13.63 8.07
C ASP A 134 -2.27 15.16 8.03
N ASP A 135 -2.98 15.69 9.02
CA ASP A 135 -3.28 17.11 9.06
C ASP A 135 -2.05 17.96 9.35
N LYS A 136 -0.95 17.36 9.78
CA LYS A 136 0.32 18.06 9.95
C LYS A 136 1.21 17.94 8.74
N GLY A 137 0.74 17.29 7.67
CA GLY A 137 1.53 17.11 6.47
C GLY A 137 2.43 15.90 6.48
N ILE A 138 2.34 15.07 7.50
CA ILE A 138 3.24 13.93 7.67
C ILE A 138 2.65 12.75 6.93
N LEU A 139 3.51 12.03 6.19
CA LEU A 139 3.05 10.85 5.47
C LEU A 139 2.83 9.68 6.42
N ARG A 140 1.65 9.07 6.34
CA ARG A 140 1.26 7.97 7.22
C ARG A 140 1.13 6.64 6.51
N GLN A 141 0.82 6.63 5.21
CA GLN A 141 0.54 5.36 4.56
C GLN A 141 0.98 5.46 3.11
N ILE A 142 1.58 4.39 2.61
CA ILE A 142 1.99 4.28 1.21
C ILE A 142 1.32 3.06 0.61
N THR A 143 0.67 3.24 -0.55
CA THR A 143 0.07 2.15 -1.30
C THR A 143 0.53 2.30 -2.75
N VAL A 144 1.10 1.26 -3.34
CA VAL A 144 1.47 1.32 -4.76
C VAL A 144 1.06 0.01 -5.42
N ASN A 145 0.18 0.10 -6.41
CA ASN A 145 -0.28 -1.05 -7.19
C ASN A 145 0.35 -0.98 -8.57
N ASP A 146 0.72 -2.14 -9.11
CA ASP A 146 1.00 -2.25 -10.53
C ASP A 146 -0.19 -1.75 -11.34
N LEU A 147 0.06 -1.38 -12.60
CA LEU A 147 -0.94 -0.76 -13.45
C LEU A 147 -2.30 -1.44 -13.53
N PRO A 148 -2.42 -2.78 -13.56
CA PRO A 148 -3.74 -3.37 -13.85
C PRO A 148 -4.74 -3.36 -12.71
N VAL A 149 -4.35 -3.08 -11.46
CA VAL A 149 -5.18 -3.40 -10.31
C VAL A 149 -5.54 -2.12 -9.56
N GLY A 150 -6.83 -1.84 -9.45
CA GLY A 150 -7.31 -0.64 -8.83
C GLY A 150 -7.37 -0.70 -7.31
N ARG A 151 -7.69 0.44 -6.73
CA ARG A 151 -7.73 0.60 -5.29
C ARG A 151 -9.18 0.60 -4.78
N SER A 152 -9.33 0.42 -3.47
CA SER A 152 -10.64 0.29 -2.83
C SER A 152 -10.89 1.52 -1.97
N VAL A 153 -12.04 2.18 -2.20
CA VAL A 153 -12.42 3.32 -1.37
C VAL A 153 -12.68 2.87 0.06
N ASP A 154 -13.34 1.72 0.23
CA ASP A 154 -13.58 1.17 1.56
C ASP A 154 -12.28 1.05 2.35
N GLU A 155 -11.26 0.45 1.73
CA GLU A 155 -9.99 0.28 2.42
C GLU A 155 -9.35 1.63 2.74
N THR A 156 -9.45 2.58 1.81
CA THR A 156 -8.86 3.90 2.05
C THR A 156 -9.57 4.60 3.20
N LEU A 157 -10.90 4.52 3.25
CA LEU A 157 -11.63 5.08 4.38
C LEU A 157 -11.24 4.41 5.69
N ARG A 158 -11.07 3.09 5.67
CA ARG A 158 -10.67 2.39 6.89
C ARG A 158 -9.34 2.92 7.40
N LEU A 159 -8.38 3.12 6.51
CA LEU A 159 -7.07 3.60 6.90
C LEU A 159 -7.14 5.03 7.44
N VAL A 160 -7.83 5.93 6.72
CA VAL A 160 -7.88 7.32 7.17
C VAL A 160 -8.48 7.39 8.56
N GLN A 161 -9.64 6.74 8.75
CA GLN A 161 -10.29 6.80 10.05
C GLN A 161 -9.41 6.20 11.13
N ALA A 162 -8.75 5.07 10.84
CA ALA A 162 -7.91 4.42 11.84
C ALA A 162 -6.73 5.29 12.24
N PHE A 163 -6.08 5.95 11.28
CA PHE A 163 -5.01 6.87 11.64
C PHE A 163 -5.53 8.01 12.49
N GLN A 164 -6.70 8.55 12.15
CA GLN A 164 -7.26 9.64 12.93
C GLN A 164 -7.57 9.21 14.34
N PHE A 165 -8.14 8.01 14.50
CA PHE A 165 -8.44 7.50 15.84
C PHE A 165 -7.17 7.32 16.66
N THR A 166 -6.11 6.77 16.06
CA THR A 166 -4.89 6.56 16.81
C THR A 166 -4.15 7.86 17.07
N ASP A 167 -4.33 8.89 16.23
CA ASP A 167 -3.80 10.20 16.52
C ASP A 167 -4.35 10.74 17.85
N LYS A 168 -5.62 10.45 18.11
CA LYS A 168 -6.26 11.04 19.28
C LYS A 168 -5.98 10.24 20.54
N HIS A 169 -5.94 8.91 20.43
CA HIS A 169 -5.67 8.06 21.59
C HIS A 169 -4.95 6.82 21.12
N GLY A 170 -3.71 6.64 21.57
CA GLY A 170 -2.93 5.45 21.26
C GLY A 170 -2.50 4.69 22.51
N GLY B 4 16.01 1.21 -0.22
CA GLY B 4 15.34 -0.03 -0.58
C GLY B 4 15.42 -0.37 -2.05
N ASN B 5 15.27 -1.66 -2.37
CA ASN B 5 15.36 -2.16 -3.73
C ASN B 5 14.05 -2.73 -4.23
N ALA B 6 12.96 -2.55 -3.48
CA ALA B 6 11.66 -3.07 -3.87
C ALA B 6 11.04 -2.12 -4.89
N LYS B 7 10.89 -2.58 -6.14
CA LYS B 7 10.35 -1.78 -7.23
C LYS B 7 9.26 -2.57 -7.94
N ILE B 8 8.11 -1.93 -8.15
CA ILE B 8 7.03 -2.56 -8.90
C ILE B 8 7.52 -2.97 -10.28
N GLY B 9 7.19 -4.21 -10.67
CA GLY B 9 7.53 -4.71 -11.99
C GLY B 9 8.94 -5.25 -12.11
N HIS B 10 9.72 -5.19 -11.04
CA HIS B 10 11.04 -5.76 -10.95
C HIS B 10 11.02 -6.96 -10.01
N PRO B 11 11.99 -7.87 -10.14
CA PRO B 11 12.10 -8.98 -9.17
C PRO B 11 12.12 -8.47 -7.73
N ALA B 12 11.29 -9.09 -6.90
CA ALA B 12 11.29 -8.72 -5.49
C ALA B 12 12.64 -9.08 -4.87
N PRO B 13 13.17 -8.25 -3.99
CA PRO B 13 14.46 -8.58 -3.35
C PRO B 13 14.40 -9.95 -2.70
N ASN B 14 15.33 -10.80 -3.07
CA ASN B 14 15.40 -12.11 -2.43
C ASN B 14 15.94 -11.97 -1.01
N PHE B 15 15.69 -12.99 -0.22
CA PHE B 15 16.26 -13.07 1.11
C PHE B 15 16.45 -14.53 1.43
N LYS B 16 17.38 -14.80 2.35
CA LYS B 16 17.52 -16.11 2.95
C LYS B 16 17.59 -15.88 4.45
N ALA B 17 16.70 -16.52 5.19
CA ALA B 17 16.58 -16.21 6.61
C ALA B 17 16.00 -17.40 7.34
N THR B 18 16.26 -17.42 8.65
CA THR B 18 15.66 -18.43 9.51
C THR B 18 14.22 -18.06 9.82
N ALA B 19 13.32 -19.01 9.68
CA ALA B 19 11.91 -18.82 9.98
C ALA B 19 11.44 -19.89 10.96
N VAL B 20 10.44 -19.55 11.76
CA VAL B 20 9.66 -20.55 12.48
C VAL B 20 8.55 -20.99 11.55
N MET B 21 8.59 -22.26 11.15
CA MET B 21 7.65 -22.81 10.20
C MET B 21 6.35 -23.22 10.88
N PRO B 22 5.29 -23.45 10.10
CA PRO B 22 4.01 -23.85 10.73
C PRO B 22 4.11 -25.07 11.63
N ASP B 23 5.08 -25.96 11.41
CA ASP B 23 5.20 -27.11 12.29
C ASP B 23 5.87 -26.78 13.62
N GLY B 24 6.19 -25.51 13.85
CA GLY B 24 6.76 -25.05 15.10
C GLY B 24 8.27 -25.09 15.17
N GLN B 25 8.94 -25.40 14.06
CA GLN B 25 10.37 -25.66 14.05
C GLN B 25 11.09 -24.71 13.12
N PHE B 26 12.40 -24.56 13.36
CA PHE B 26 13.20 -23.64 12.57
C PHE B 26 13.53 -24.23 11.20
N LYS B 27 13.59 -23.37 10.20
CA LYS B 27 14.08 -23.74 8.89
C LYS B 27 14.56 -22.48 8.19
N ASP B 28 15.67 -22.60 7.47
CA ASP B 28 16.14 -21.50 6.65
C ASP B 28 15.42 -21.53 5.31
N ILE B 29 14.78 -20.42 4.95
CA ILE B 29 13.99 -20.35 3.73
C ILE B 29 14.38 -19.12 2.94
N SER B 30 14.03 -19.14 1.66
CA SER B 30 14.34 -18.06 0.74
C SER B 30 13.07 -17.67 -0.01
N LEU B 31 12.93 -16.38 -0.35
CA LEU B 31 11.78 -15.98 -1.14
C LEU B 31 11.72 -16.77 -2.44
N SER B 32 12.89 -17.05 -3.02
CA SER B 32 12.95 -17.79 -4.28
C SER B 32 12.45 -19.22 -4.14
N ASP B 33 12.40 -19.76 -2.92
CA ASP B 33 11.78 -21.07 -2.68
C ASP B 33 10.34 -21.12 -3.18
N TYR B 34 9.66 -19.98 -3.28
CA TYR B 34 8.24 -19.94 -3.57
C TYR B 34 7.94 -19.48 -5.00
N LYS B 35 8.93 -19.42 -5.87
CA LYS B 35 8.64 -19.22 -7.29
C LYS B 35 7.65 -20.28 -7.75
N GLY B 36 6.74 -19.87 -8.61
CA GLY B 36 5.61 -20.69 -8.97
C GLY B 36 4.36 -20.41 -8.18
N LYS B 37 4.48 -19.65 -7.09
CA LYS B 37 3.36 -19.28 -6.24
C LYS B 37 3.36 -17.77 -6.06
N TYR B 38 2.17 -17.19 -5.93
CA TYR B 38 2.10 -15.83 -5.41
C TYR B 38 2.56 -15.84 -3.95
N VAL B 39 3.12 -14.72 -3.50
CA VAL B 39 3.58 -14.56 -2.13
C VAL B 39 3.05 -13.26 -1.57
N VAL B 40 2.48 -13.31 -0.38
CA VAL B 40 2.24 -12.12 0.43
C VAL B 40 3.32 -12.14 1.50
N PHE B 41 4.22 -11.15 1.47
CA PHE B 41 5.33 -11.03 2.39
C PHE B 41 5.06 -9.79 3.23
N PHE B 42 4.85 -9.95 4.53
CA PHE B 42 4.54 -8.80 5.35
C PHE B 42 5.47 -8.71 6.55
N PHE B 43 5.84 -7.47 6.89
CA PHE B 43 6.62 -7.15 8.07
C PHE B 43 5.72 -6.64 9.18
N TYR B 44 6.11 -6.89 10.42
CA TYR B 44 5.50 -6.24 11.57
C TYR B 44 6.63 -5.81 12.50
N PRO B 45 6.37 -4.80 13.35
CA PRO B 45 7.49 -4.18 14.09
C PRO B 45 8.22 -5.11 15.05
N LEU B 46 7.52 -5.79 15.96
CA LEU B 46 8.25 -6.68 16.86
C LEU B 46 7.28 -7.63 17.55
N ASP B 47 7.86 -8.69 18.11
CA ASP B 47 7.10 -9.74 18.79
C ASP B 47 6.58 -9.24 20.14
N PHE B 48 5.55 -9.94 20.64
CA PHE B 48 4.96 -9.71 21.96
C PHE B 48 4.47 -8.27 22.10
N THR B 49 3.66 -7.87 21.14
CA THR B 49 3.08 -6.54 21.08
C THR B 49 1.57 -6.65 20.99
N PHE B 50 0.89 -5.53 20.76
CA PHE B 50 -0.56 -5.45 20.87
C PHE B 50 -1.28 -5.54 19.52
N VAL B 51 -0.82 -4.78 18.52
CA VAL B 51 -1.49 -4.78 17.21
C VAL B 51 -0.98 -5.94 16.35
N SER B 52 0.33 -6.17 16.34
CA SER B 52 0.90 -7.20 15.48
C SER B 52 0.29 -8.59 15.65
N PRO B 53 0.06 -9.11 16.85
CA PRO B 53 -0.53 -10.46 16.93
C PRO B 53 -1.89 -10.55 16.28
N THR B 54 -2.69 -9.48 16.36
CA THR B 54 -4.01 -9.51 15.72
C THR B 54 -3.88 -9.71 14.22
N GLU B 55 -2.93 -9.02 13.60
CA GLU B 55 -2.68 -9.19 12.17
C GLU B 55 -2.16 -10.59 11.85
N ILE B 56 -1.13 -11.03 12.58
CA ILE B 56 -0.51 -12.31 12.29
C ILE B 56 -1.51 -13.44 12.42
N ILE B 57 -2.29 -13.42 13.50
CA ILE B 57 -3.27 -14.48 13.75
C ILE B 57 -4.35 -14.47 12.68
N ALA B 58 -4.74 -13.28 12.22
CA ALA B 58 -5.74 -13.19 11.17
C ALA B 58 -5.23 -13.82 9.87
N PHE B 59 -3.99 -13.51 9.50
CA PHE B 59 -3.44 -14.12 8.29
C PHE B 59 -3.29 -15.62 8.46
N SER B 60 -2.85 -16.04 9.65
CA SER B 60 -2.71 -17.46 9.93
C SER B 60 -4.05 -18.18 9.89
N ASP B 61 -5.05 -17.61 10.58
CA ASP B 61 -6.37 -18.23 10.64
C ASP B 61 -6.95 -18.43 9.25
N ARG B 62 -6.72 -17.49 8.35
CA ARG B 62 -7.30 -17.50 7.02
C ARG B 62 -6.33 -18.00 5.97
N ALA B 63 -5.31 -18.76 6.38
CA ALA B 63 -4.29 -19.23 5.45
C ALA B 63 -4.91 -20.06 4.32
N GLU B 64 -5.98 -20.79 4.61
CA GLU B 64 -6.60 -21.62 3.58
C GLU B 64 -7.09 -20.78 2.41
N GLU B 65 -7.59 -19.57 2.68
CA GLU B 65 -8.07 -18.70 1.61
C GLU B 65 -6.94 -18.29 0.68
N PHE B 66 -5.72 -18.14 1.22
CA PHE B 66 -4.58 -17.87 0.35
C PHE B 66 -4.12 -19.13 -0.35
N LYS B 67 -4.20 -20.28 0.32
CA LYS B 67 -3.80 -21.54 -0.31
C LYS B 67 -4.63 -21.82 -1.55
N LYS B 68 -5.94 -21.54 -1.50
CA LYS B 68 -6.79 -21.74 -2.66
C LYS B 68 -6.45 -20.78 -3.80
N LEU B 69 -5.72 -19.70 -3.52
CA LEU B 69 -5.20 -18.82 -4.56
C LEU B 69 -3.77 -19.15 -4.94
N ASN B 70 -3.27 -20.32 -4.56
CA ASN B 70 -1.88 -20.69 -4.77
C ASN B 70 -0.95 -19.58 -4.27
N CYS B 71 -1.24 -19.08 -3.07
CA CYS B 71 -0.54 -17.93 -2.53
C CYS B 71 0.04 -18.30 -1.16
N GLN B 72 1.36 -18.17 -1.02
CA GLN B 72 2.05 -18.39 0.24
C GLN B 72 2.08 -17.08 1.03
N VAL B 73 1.74 -17.13 2.30
CA VAL B 73 1.84 -15.96 3.18
C VAL B 73 3.04 -16.14 4.09
N ILE B 74 3.85 -15.08 4.23
CA ILE B 74 5.04 -15.11 5.09
C ILE B 74 5.09 -13.82 5.88
N GLY B 75 5.24 -13.94 7.22
CA GLY B 75 5.44 -12.78 8.06
C GLY B 75 6.90 -12.63 8.46
N ALA B 76 7.29 -11.43 8.89
CA ALA B 76 8.68 -11.17 9.24
C ALA B 76 8.77 -10.01 10.23
N SER B 77 9.75 -10.10 11.13
CA SER B 77 10.14 -8.96 11.95
C SER B 77 11.63 -9.03 12.21
N VAL B 78 12.19 -7.95 12.75
CA VAL B 78 13.62 -7.94 13.08
C VAL B 78 13.96 -8.76 14.31
N ASP B 79 12.96 -9.36 14.96
CA ASP B 79 13.23 -10.19 16.12
C ASP B 79 14.02 -11.44 15.75
N SER B 80 14.67 -12.01 16.75
CA SER B 80 15.38 -13.27 16.55
C SER B 80 14.38 -14.40 16.34
N HIS B 81 14.88 -15.49 15.74
CA HIS B 81 13.99 -16.63 15.51
C HIS B 81 13.57 -17.28 16.82
N PHE B 82 14.41 -17.17 17.86
CA PHE B 82 14.01 -17.66 19.18
C PHE B 82 12.84 -16.86 19.73
N SER B 83 12.84 -15.54 19.52
CA SER B 83 11.73 -14.73 19.99
C SER B 83 10.43 -15.15 19.28
N HIS B 84 10.50 -15.37 17.97
CA HIS B 84 9.34 -15.90 17.25
C HIS B 84 8.85 -17.20 17.87
N LEU B 85 9.77 -18.11 18.15
CA LEU B 85 9.40 -19.40 18.71
C LEU B 85 8.71 -19.24 20.07
N ALA B 86 9.24 -18.36 20.92
CA ALA B 86 8.62 -18.08 22.20
C ALA B 86 7.19 -17.59 22.03
N TRP B 87 6.95 -16.75 21.03
CA TRP B 87 5.64 -16.15 20.85
C TRP B 87 4.65 -17.18 20.33
N VAL B 88 5.09 -18.04 19.41
CA VAL B 88 4.24 -19.10 18.89
C VAL B 88 3.89 -20.08 20.00
N ASN B 89 4.88 -20.42 20.84
CA ASN B 89 4.68 -21.38 21.92
C ASN B 89 3.87 -20.80 23.06
N THR B 90 3.59 -19.51 23.05
CA THR B 90 2.71 -18.91 24.06
C THR B 90 1.28 -19.00 23.56
N PRO B 91 0.34 -19.59 24.33
CA PRO B 91 -1.04 -19.71 23.86
C PRO B 91 -1.65 -18.36 23.56
N LYS B 92 -2.52 -18.36 22.55
CA LYS B 92 -3.24 -17.15 22.18
C LYS B 92 -4.02 -16.58 23.36
N LYS B 93 -4.60 -17.44 24.19
CA LYS B 93 -5.38 -16.93 25.31
C LYS B 93 -4.50 -16.30 26.39
N GLN B 94 -3.17 -16.48 26.31
CA GLN B 94 -2.25 -15.82 27.23
C GLN B 94 -1.46 -14.71 26.56
N GLY B 95 -1.92 -14.22 25.41
CA GLY B 95 -1.25 -13.13 24.75
C GLY B 95 -0.23 -13.53 23.70
N GLY B 96 -0.13 -14.82 23.39
CA GLY B 96 0.80 -15.29 22.38
C GLY B 96 0.14 -15.41 21.02
N LEU B 97 0.90 -15.99 20.09
CA LEU B 97 0.34 -16.28 18.77
C LEU B 97 -0.41 -17.60 18.75
N GLY B 98 0.02 -18.58 19.54
CA GLY B 98 -0.43 -19.94 19.36
C GLY B 98 0.08 -20.55 18.07
N PRO B 99 -0.38 -21.77 17.77
CA PRO B 99 0.07 -22.45 16.55
C PRO B 99 -0.24 -21.64 15.29
N MET B 100 0.72 -21.63 14.36
CA MET B 100 0.65 -20.81 13.16
C MET B 100 0.52 -21.67 11.92
N ASN B 101 -0.19 -21.15 10.93
CA ASN B 101 -0.29 -21.76 9.61
C ASN B 101 0.65 -21.12 8.60
N ILE B 102 1.45 -20.13 9.02
CA ILE B 102 2.34 -19.39 8.12
C ILE B 102 3.73 -19.33 8.75
N PRO B 103 4.79 -19.28 7.95
CA PRO B 103 6.14 -19.10 8.51
C PRO B 103 6.36 -17.67 8.96
N LEU B 104 7.22 -17.51 9.98
CA LEU B 104 7.59 -16.20 10.50
C LEU B 104 9.10 -16.04 10.38
N VAL B 105 9.51 -15.13 9.52
CA VAL B 105 10.93 -14.91 9.20
C VAL B 105 11.55 -14.00 10.24
N SER B 106 12.81 -14.28 10.59
CA SER B 106 13.59 -13.43 11.47
C SER B 106 14.58 -12.62 10.64
N ASP B 107 14.64 -11.31 10.88
CA ASP B 107 15.50 -10.38 10.15
C ASP B 107 16.39 -9.62 11.14
N PRO B 108 17.20 -10.34 11.93
CA PRO B 108 17.92 -9.68 13.02
C PRO B 108 19.00 -8.71 12.55
N LYS B 109 19.54 -8.90 11.34
CA LYS B 109 20.49 -7.94 10.79
C LYS B 109 19.82 -6.75 10.13
N ARG B 110 18.48 -6.71 10.06
CA ARG B 110 17.70 -5.62 9.50
C ARG B 110 17.88 -5.45 8.01
N THR B 111 18.57 -6.37 7.34
CA THR B 111 18.86 -6.18 5.91
C THR B 111 17.66 -6.46 5.03
N ILE B 112 16.77 -7.37 5.44
CA ILE B 112 15.57 -7.60 4.64
C ILE B 112 14.66 -6.38 4.70
N ALA B 113 14.44 -5.84 5.91
CA ALA B 113 13.64 -4.62 6.04
C ALA B 113 14.26 -3.48 5.23
N GLN B 114 15.58 -3.36 5.26
CA GLN B 114 16.24 -2.34 4.46
C GLN B 114 16.00 -2.57 2.97
N ASP B 115 16.21 -3.80 2.50
CA ASP B 115 15.98 -4.13 1.10
C ASP B 115 14.56 -3.79 0.66
N TYR B 116 13.59 -3.94 1.55
CA TYR B 116 12.20 -3.67 1.22
C TYR B 116 11.77 -2.24 1.54
N GLY B 117 12.71 -1.40 1.96
CA GLY B 117 12.41 0.00 2.17
C GLY B 117 11.52 0.29 3.35
N VAL B 118 11.45 -0.61 4.33
CA VAL B 118 10.49 -0.44 5.42
C VAL B 118 11.17 -0.35 6.77
N LEU B 119 12.48 -0.10 6.82
CA LEU B 119 13.12 0.05 8.12
C LEU B 119 12.86 1.45 8.66
N LYS B 120 12.34 1.50 9.90
CA LYS B 120 12.22 2.77 10.63
C LYS B 120 13.57 3.02 11.27
N ALA B 121 14.40 3.83 10.60
CA ALA B 121 15.82 3.88 10.93
C ALA B 121 16.06 4.29 12.39
N ASP B 122 15.26 5.21 12.90
CA ASP B 122 15.53 5.72 14.25
C ASP B 122 15.12 4.75 15.35
N GLU B 123 14.56 3.58 15.01
CA GLU B 123 14.20 2.57 15.99
C GLU B 123 14.74 1.18 15.70
N GLY B 124 15.29 0.93 14.52
CA GLY B 124 15.78 -0.40 14.18
C GLY B 124 14.69 -1.45 14.02
N ILE B 125 13.48 -1.02 13.69
CA ILE B 125 12.35 -1.94 13.51
C ILE B 125 11.67 -1.59 12.20
N SER B 126 10.88 -2.53 11.69
CA SER B 126 10.17 -2.30 10.43
C SER B 126 8.84 -1.60 10.68
N PHE B 127 8.46 -0.77 9.70
CA PHE B 127 7.07 -0.35 9.58
C PHE B 127 6.19 -1.55 9.22
N ARG B 128 4.88 -1.33 9.13
CA ARG B 128 3.96 -2.41 8.73
C ARG B 128 3.92 -2.49 7.21
N GLY B 129 4.96 -3.09 6.64
CA GLY B 129 5.06 -3.25 5.19
C GLY B 129 4.47 -4.58 4.75
N LEU B 130 3.79 -4.54 3.60
CA LEU B 130 3.22 -5.74 3.01
C LEU B 130 3.46 -5.70 1.52
N PHE B 131 3.87 -6.82 0.95
CA PHE B 131 4.33 -6.88 -0.43
C PHE B 131 3.68 -8.08 -1.10
N ILE B 132 3.16 -7.86 -2.30
CA ILE B 132 2.57 -8.93 -3.08
C ILE B 132 3.49 -9.23 -4.25
N ILE B 133 3.95 -10.46 -4.32
CA ILE B 133 4.91 -10.93 -5.29
C ILE B 133 4.26 -12.03 -6.12
N ASP B 134 4.36 -11.94 -7.45
CA ASP B 134 3.65 -12.90 -8.26
C ASP B 134 4.44 -14.19 -8.37
N ASP B 135 3.91 -15.15 -9.14
CA ASP B 135 4.53 -16.46 -9.24
C ASP B 135 5.82 -16.45 -10.06
N LYS B 136 6.11 -15.33 -10.73
CA LYS B 136 7.36 -15.11 -11.42
C LYS B 136 8.41 -14.46 -10.51
N GLY B 137 8.04 -14.13 -9.28
CA GLY B 137 8.92 -13.40 -8.38
C GLY B 137 8.93 -11.91 -8.59
N ILE B 138 8.01 -11.38 -9.39
CA ILE B 138 7.97 -9.95 -9.68
C ILE B 138 7.11 -9.25 -8.63
N LEU B 139 7.60 -8.14 -8.11
CA LEU B 139 6.84 -7.38 -7.12
C LEU B 139 5.66 -6.68 -7.80
N ARG B 140 4.46 -6.89 -7.26
CA ARG B 140 3.26 -6.31 -7.86
C ARG B 140 2.58 -5.24 -7.00
N GLN B 141 2.84 -5.21 -5.70
CA GLN B 141 2.08 -4.33 -4.82
C GLN B 141 2.93 -3.99 -3.62
N ILE B 142 2.90 -2.72 -3.23
CA ILE B 142 3.61 -2.23 -2.04
C ILE B 142 2.57 -1.60 -1.11
N THR B 143 2.58 -2.01 0.16
CA THR B 143 1.75 -1.42 1.19
C THR B 143 2.64 -1.13 2.38
N VAL B 144 2.64 0.11 2.87
CA VAL B 144 3.39 0.41 4.09
C VAL B 144 2.52 1.28 4.98
N ASN B 145 2.22 0.78 6.18
CA ASN B 145 1.48 1.55 7.17
C ASN B 145 2.44 2.03 8.26
N ASP B 146 2.24 3.25 8.70
CA ASP B 146 2.85 3.67 9.97
C ASP B 146 2.42 2.70 11.08
N LEU B 147 3.22 2.68 12.15
CA LEU B 147 3.06 1.71 13.22
C LEU B 147 1.65 1.55 13.81
N PRO B 148 0.84 2.61 14.00
CA PRO B 148 -0.40 2.43 14.79
C PRO B 148 -1.51 1.67 14.09
N VAL B 149 -1.49 1.49 12.77
CA VAL B 149 -2.66 1.03 12.04
C VAL B 149 -2.32 -0.28 11.33
N GLY B 150 -3.16 -1.29 11.56
CA GLY B 150 -2.95 -2.61 11.00
C GLY B 150 -3.56 -2.79 9.62
N ARG B 151 -3.34 -3.97 9.07
CA ARG B 151 -3.69 -4.32 7.70
C ARG B 151 -4.92 -5.23 7.68
N SER B 152 -5.54 -5.31 6.51
CA SER B 152 -6.76 -6.06 6.32
C SER B 152 -6.48 -7.30 5.50
N VAL B 153 -6.87 -8.47 6.01
CA VAL B 153 -6.75 -9.68 5.21
C VAL B 153 -7.69 -9.62 4.00
N ASP B 154 -8.92 -9.14 4.21
CA ASP B 154 -9.86 -8.97 3.11
C ASP B 154 -9.24 -8.18 1.96
N GLU B 155 -8.62 -7.04 2.28
CA GLU B 155 -8.02 -6.22 1.24
C GLU B 155 -6.88 -6.97 0.54
N THR B 156 -6.06 -7.70 1.32
CA THR B 156 -4.95 -8.44 0.73
C THR B 156 -5.46 -9.51 -0.21
N LEU B 157 -6.52 -10.22 0.17
CA LEU B 157 -7.10 -11.21 -0.73
C LEU B 157 -7.66 -10.55 -1.98
N ARG B 158 -8.34 -9.43 -1.81
CA ARG B 158 -8.84 -8.69 -2.98
C ARG B 158 -7.71 -8.42 -3.96
N LEU B 159 -6.58 -7.95 -3.44
CA LEU B 159 -5.45 -7.61 -4.30
C LEU B 159 -4.89 -8.85 -5.00
N VAL B 160 -4.64 -9.92 -4.24
CA VAL B 160 -4.09 -11.15 -4.84
C VAL B 160 -5.01 -11.65 -5.94
N GLN B 161 -6.32 -11.71 -5.64
CA GLN B 161 -7.30 -12.15 -6.63
C GLN B 161 -7.27 -11.27 -7.87
N ALA B 162 -7.18 -9.94 -7.68
CA ALA B 162 -7.19 -9.03 -8.82
C ALA B 162 -5.95 -9.18 -9.68
N PHE B 163 -4.77 -9.33 -9.07
CA PHE B 163 -3.57 -9.54 -9.87
C PHE B 163 -3.66 -10.84 -10.66
N GLN B 164 -4.19 -11.90 -10.05
CA GLN B 164 -4.29 -13.16 -10.78
C GLN B 164 -5.29 -13.06 -11.92
N PHE B 165 -6.38 -12.32 -11.71
CA PHE B 165 -7.34 -12.10 -12.79
C PHE B 165 -6.70 -11.30 -13.93
N THR B 166 -6.06 -10.17 -13.61
CA THR B 166 -5.47 -9.37 -14.68
C THR B 166 -4.26 -10.07 -15.31
N ASP B 167 -3.61 -10.99 -14.60
CA ASP B 167 -2.58 -11.80 -15.23
C ASP B 167 -3.12 -12.62 -16.42
N LYS B 168 -4.43 -12.90 -16.45
CA LYS B 168 -5.02 -13.80 -17.45
C LYS B 168 -5.30 -13.14 -18.79
N HIS B 169 -5.45 -11.82 -18.84
CA HIS B 169 -5.71 -11.15 -20.12
C HIS B 169 -4.45 -11.12 -20.97
N GLY B 170 -4.61 -11.45 -22.26
CA GLY B 170 -3.48 -11.52 -23.18
C GLY B 170 -3.75 -10.89 -24.52
C1 A1LXC C . -0.16 0.84 -19.89
C10 A1LXC C . -4.56 1.95 -17.67
C11 A1LXC C . -5.36 2.83 -16.72
C15 A1LXC C . -6.17 0.37 -18.42
C17 A1LXC C . -6.41 -1.11 -18.69
C18 A1LXC C . -7.76 -1.39 -19.31
C19 A1LXC C . -8.12 -2.83 -19.69
C2 A1LXC C . -0.46 2.15 -19.61
C20 A1LXC C . -8.80 -2.94 -20.86
C21 A1LXC C . -9.20 -4.13 -21.34
C22 A1LXC C . -8.94 -5.27 -20.63
C23 A1LXC C . -8.16 -5.16 -19.30
C24 A1LXC C . -7.81 -4.12 -18.87
C25 A1LXC C . -7.18 -4.21 -17.66
C26 A1LXC C . -7.51 -5.63 -17.20
C29 A1LXC C . -5.59 -4.03 -17.78
C3 A1LXC C . -1.46 2.44 -18.69
C32 A1LXC C . -3.78 -3.75 -19.20
C33 A1LXC C . -2.68 -4.66 -18.66
C36 A1LXC C . -3.58 -3.46 -20.69
C37 A1LXC C . -3.90 -4.69 -21.53
C38 A1LXC C . -5.21 -4.98 -21.89
C39 A1LXC C . -5.48 -6.10 -22.66
C4 A1LXC C . -2.14 1.41 -18.05
C40 A1LXC C . -4.44 -6.92 -23.07
C41 A1LXC C . -3.14 -6.62 -22.73
C42 A1LXC C . -2.86 -5.50 -21.95
C45 A1LXC C . -8.68 -5.58 -16.41
C46 A1LXC C . -9.89 -6.12 -16.88
C47 A1LXC C . -11.04 -6.05 -16.10
C48 A1LXC C . -11.01 -5.43 -14.87
C49 A1LXC C . -9.82 -4.89 -14.39
C5 A1LXC C . -1.83 0.08 -18.33
C50 A1LXC C . -8.66 -4.96 -15.16
C6 A1LXC C . -0.84 -0.19 -19.26
C9 A1LXC C . -3.20 1.80 -17.03
O12 A1LXC C . -4.94 3.99 -16.40
O13 A1LXC C . -6.43 2.38 -16.28
O14 A1LXC C . -5.12 0.69 -17.57
O16 A1LXC C . -6.83 1.22 -18.93
O27 A1LXC C . -7.86 -6.37 -18.51
O28 A1LXC C . -9.35 -6.54 -21.08
O30 A1LXC C . -4.94 -3.62 -16.87
O31 A1LXC C . -5.01 -4.39 -19.00
O34 A1LXC C . -2.97 -5.74 -18.11
O35 A1LXC C . -1.48 -4.30 -18.76
O43 A1LXC C . -4.69 -8.05 -23.86
O44 A1LXC C . -2.10 -7.45 -23.15
O51 A1LXC C . -12.26 -6.59 -16.56
O52 A1LXC C . -12.19 -5.37 -14.09
O7 A1LXC C . -0.49 -1.52 -19.59
O8 A1LXC C . 0.85 0.55 -20.82
#